data_7F9R
#
_entry.id   7F9R
#
_cell.length_a   114.830
_cell.length_b   73.830
_cell.length_c   74.700
_cell.angle_alpha   90.000
_cell.angle_beta   111.490
_cell.angle_gamma   90.000
#
_symmetry.space_group_name_H-M   'C 1 2 1'
#
loop_
_entity.id
_entity.type
_entity.pdbx_description
1 polymer 'Prolyl-tRNA synthetase (ProRS)'
2 non-polymer ~{N}-[4-[(3~{S})-3-cyano-3-cyclopropyl-2-oxidanylidene-pyrrolidin-1-yl]-6-methyl-pyridin-2-yl]-2-phenyl-ethanamide
3 non-polymer 3-{3-[(2R,3S)-3-hydroxypiperidin-2-yl]-2-oxopropyl}quinazolin-4(3H)-one
4 non-polymer 'CHLORIDE ION'
5 non-polymer 1,2-ETHANEDIOL
6 non-polymer PROLINE
7 water water
#
_entity_poly.entity_id   1
_entity_poly.type   'polypeptide(L)'
_entity_poly.pdbx_seq_one_letter_code
;GAMVTAKKDENFSEWYTQAIVRSEMIEYYDISGCYIMRPWAFHIWEKVQRFFDDEIKKMGVENSYFPMFVSRHKLEKEKD
HVEGFSPEVAWVTHYGDSPLPEKIAIRPTSETIMYPAYAKWIRSHRDLPLKLNQWCSVVRWEFKQPTPFLRTREFLWQEG
HTAHATEEEAWELVLDILELYRRWYEECLAVPVIKGEKSEGEKFAGGKKTTTVEAFIPENGRGIQAATSHLLGTNFAKMF
EIEFEDEEGHKRLVHQTSWGCTTRSLGVMIMTHGDDKGLVIPPRVASVQVVIIPILFKDENTGEILGKCRELKTMLEKAD
IRVRIDDRSNYTPGWKYNHWEVKGVPLRLELGPKDLAKGTARVVRRDTGEAYQISWADLAPKLLELMEGIQRSLFEKAKA
RLHEGIEKISTFDEVMPALNRKHLVLAPWCEDPESEEQIKKETQKLSEIQAIEAGDSEQVMTGAMKTLCIPFDQPPMPEG
TKCFYTGKPAKRWTLWGRSY
;
_entity_poly.pdbx_strand_id   A
#
loop_
_chem_comp.id
_chem_comp.type
_chem_comp.name
_chem_comp.formula
9SF non-polymer 3-{3-[(2R,3S)-3-hydroxypiperidin-2-yl]-2-oxopropyl}quinazolin-4(3H)-one 'C16 H19 N3 O3'
CL non-polymer 'CHLORIDE ION' 'Cl -1'
EDO non-polymer 1,2-ETHANEDIOL 'C2 H6 O2'
JE6 non-polymer ~{N}-[4-[(3~{S})-3-cyano-3-cyclopropyl-2-oxidanylidene-pyrrolidin-1-yl]-6-methyl-pyridin-2-yl]-2-phenyl-ethanamide 'C22 H22 N4 O2'
#
# COMPACT_ATOMS: atom_id res chain seq x y z
N ALA A 2 -21.37 -12.25 12.00
CA ALA A 2 -21.25 -10.82 11.91
C ALA A 2 -21.39 -10.36 10.46
N MET A 3 -22.34 -9.47 10.22
CA MET A 3 -22.43 -8.75 8.96
C MET A 3 -21.85 -7.36 9.16
N VAL A 4 -21.36 -6.78 8.07
CA VAL A 4 -21.07 -5.35 8.08
C VAL A 4 -22.39 -4.59 7.96
N THR A 5 -22.61 -3.61 8.85
CA THR A 5 -23.84 -2.84 8.88
C THR A 5 -23.65 -1.35 8.61
N ALA A 6 -22.46 -0.80 8.84
CA ALA A 6 -22.16 0.58 8.45
C ALA A 6 -21.99 0.64 6.95
N LYS A 7 -22.47 1.68 6.32
CA LYS A 7 -22.36 1.82 4.89
C LYS A 7 -21.11 2.57 4.52
N LYS A 8 -20.43 2.10 3.52
CA LYS A 8 -19.18 2.68 3.12
C LYS A 8 -19.29 4.12 2.72
N ASP A 9 -20.35 4.51 2.04
CA ASP A 9 -20.54 5.88 1.64
C ASP A 9 -21.17 6.78 2.68
N GLU A 10 -21.54 6.27 3.81
CA GLU A 10 -22.15 7.07 4.84
C GLU A 10 -21.26 7.32 6.02
N ASN A 11 -20.80 6.28 6.64
CA ASN A 11 -19.89 6.42 7.77
C ASN A 11 -18.65 5.61 7.44
N PHE A 12 -17.73 6.22 6.70
CA PHE A 12 -16.59 5.47 6.15
C PHE A 12 -15.71 4.92 7.26
N SER A 13 -15.50 5.69 8.33
CA SER A 13 -14.62 5.24 9.40
C SER A 13 -15.19 4.02 10.12
N GLU A 14 -16.49 4.07 10.43
CA GLU A 14 -17.13 2.92 11.05
C GLU A 14 -17.16 1.72 10.12
N TRP A 15 -17.41 1.95 8.82
CA TRP A 15 -17.38 0.85 7.85
C TRP A 15 -16.01 0.17 7.83
N TYR A 16 -14.95 0.97 7.81
CA TYR A 16 -13.61 0.41 7.71
C TYR A 16 -13.30 -0.46 8.93
N THR A 17 -13.58 0.07 10.12
CA THR A 17 -13.39 -0.69 11.34
C THR A 17 -14.17 -2.00 11.31
N GLN A 18 -15.45 -1.95 10.94
CA GLN A 18 -16.24 -3.17 10.87
C GLN A 18 -15.65 -4.14 9.87
N ALA A 19 -15.26 -3.67 8.70
CA ALA A 19 -14.75 -4.59 7.68
C ALA A 19 -13.49 -5.29 8.14
N ILE A 20 -12.58 -4.58 8.82
CA ILE A 20 -11.32 -5.24 9.17
C ILE A 20 -11.47 -6.05 10.45
N VAL A 21 -12.40 -5.70 11.34
CA VAL A 21 -12.60 -6.50 12.54
C VAL A 21 -13.44 -7.73 12.25
N ARG A 22 -14.57 -7.56 11.55
CA ARG A 22 -15.47 -8.70 11.34
C ARG A 22 -14.92 -9.72 10.37
N SER A 23 -14.01 -9.32 9.48
CA SER A 23 -13.29 -10.28 8.65
C SER A 23 -12.15 -10.98 9.37
N GLU A 24 -11.86 -10.60 10.62
CA GLU A 24 -10.78 -11.19 11.42
C GLU A 24 -9.41 -10.88 10.84
N MET A 25 -9.26 -9.66 10.32
CA MET A 25 -7.97 -9.21 9.86
C MET A 25 -7.13 -8.59 10.98
N ILE A 26 -7.75 -7.82 11.88
CA ILE A 26 -6.98 -7.15 12.91
C ILE A 26 -7.61 -7.42 14.27
N GLU A 27 -6.82 -7.19 15.30
CA GLU A 27 -7.29 -7.21 16.68
C GLU A 27 -6.66 -6.03 17.39
N TYR A 28 -7.43 -5.44 18.30
CA TYR A 28 -6.93 -4.27 18.99
C TYR A 28 -5.96 -4.67 20.09
N TYR A 29 -5.32 -3.67 20.67
CA TYR A 29 -4.19 -3.87 21.56
C TYR A 29 -4.18 -2.71 22.55
N ASP A 30 -3.62 -2.95 23.74
CA ASP A 30 -3.69 -1.96 24.80
C ASP A 30 -2.77 -0.77 24.58
N ILE A 31 -1.82 -0.84 23.66
CA ILE A 31 -0.93 0.28 23.39
C ILE A 31 -1.43 1.02 22.15
N SER A 32 -1.76 2.30 22.33
CA SER A 32 -2.34 3.10 21.25
C SER A 32 -1.43 3.10 20.03
N GLY A 33 -2.04 2.95 18.86
CA GLY A 33 -1.31 2.98 17.61
C GLY A 33 -0.68 1.66 17.18
N CYS A 34 -0.81 0.60 17.98
CA CYS A 34 -0.37 -0.74 17.61
C CYS A 34 -1.56 -1.68 17.47
N TYR A 35 -1.50 -2.56 16.48
CA TYR A 35 -2.59 -3.48 16.19
C TYR A 35 -2.02 -4.87 15.91
N ILE A 36 -2.78 -5.88 16.29
CA ILE A 36 -2.43 -7.27 15.97
C ILE A 36 -2.88 -7.59 14.56
N MET A 37 -2.00 -8.20 13.78
CA MET A 37 -2.31 -8.60 12.42
C MET A 37 -2.61 -10.09 12.42
N ARG A 38 -3.88 -10.46 12.22
CA ARG A 38 -4.31 -11.85 12.28
C ARG A 38 -4.03 -12.54 10.95
N PRO A 39 -4.11 -13.89 10.91
CA PRO A 39 -3.73 -14.61 9.68
C PRO A 39 -4.43 -14.15 8.42
N TRP A 40 -5.72 -13.81 8.48
CA TRP A 40 -6.42 -13.42 7.27
C TRP A 40 -5.75 -12.25 6.58
N ALA A 41 -5.23 -11.30 7.36
CA ALA A 41 -4.48 -10.18 6.78
C ALA A 41 -3.04 -10.57 6.49
N PHE A 42 -2.45 -11.36 7.40
CA PHE A 42 -1.04 -11.66 7.25
C PHE A 42 -0.77 -12.48 5.99
N HIS A 43 -1.71 -13.33 5.57
CA HIS A 43 -1.53 -14.10 4.34
C HIS A 43 -1.34 -13.17 3.13
N ILE A 44 -2.08 -12.05 3.12
CA ILE A 44 -1.94 -11.11 2.00
C ILE A 44 -0.58 -10.44 2.04
N TRP A 45 -0.13 -10.09 3.25
CA TRP A 45 1.22 -9.53 3.38
C TRP A 45 2.27 -10.52 2.87
N GLU A 46 2.15 -11.80 3.24
CA GLU A 46 3.11 -12.80 2.76
C GLU A 46 3.10 -12.86 1.24
N LYS A 47 1.92 -12.72 0.62
CA LYS A 47 1.83 -12.80 -0.84
C LYS A 47 2.56 -11.64 -1.52
N VAL A 48 2.32 -10.41 -1.05
CA VAL A 48 3.00 -9.28 -1.70
C VAL A 48 4.48 -9.29 -1.34
N GLN A 49 4.82 -9.83 -0.18
CA GLN A 49 6.22 -9.93 0.20
C GLN A 49 6.95 -10.89 -0.72
N ARG A 50 6.36 -12.05 -1.00
CA ARG A 50 6.95 -13.01 -1.92
C ARG A 50 7.12 -12.40 -3.30
N PHE A 51 6.10 -11.70 -3.79
CA PHE A 51 6.21 -11.00 -5.07
C PHE A 51 7.41 -10.06 -5.09
N PHE A 52 7.45 -9.13 -4.13
CA PHE A 52 8.48 -8.10 -4.18
C PHE A 52 9.87 -8.69 -3.97
N ASP A 53 9.99 -9.66 -3.06
CA ASP A 53 11.25 -10.35 -2.83
C ASP A 53 11.76 -11.00 -4.11
N ASP A 54 10.88 -11.73 -4.82
CA ASP A 54 11.34 -12.39 -6.04
C ASP A 54 11.83 -11.37 -7.06
N GLU A 55 11.10 -10.26 -7.17
CA GLU A 55 11.46 -9.25 -8.16
C GLU A 55 12.80 -8.58 -7.85
N ILE A 56 13.04 -8.23 -6.58
CA ILE A 56 14.29 -7.55 -6.29
C ILE A 56 15.46 -8.52 -6.32
N LYS A 57 15.24 -9.81 -6.00
CA LYS A 57 16.33 -10.76 -6.15
C LYS A 57 16.76 -10.87 -7.62
N LYS A 58 15.82 -10.76 -8.56
CA LYS A 58 16.22 -10.72 -9.96
C LYS A 58 17.08 -9.49 -10.29
N MET A 59 16.93 -8.41 -9.54
CA MET A 59 17.80 -7.24 -9.69
C MET A 59 19.13 -7.36 -8.94
N GLY A 60 19.38 -8.49 -8.30
CA GLY A 60 20.60 -8.65 -7.54
C GLY A 60 20.56 -8.08 -6.14
N VAL A 61 19.40 -7.72 -5.63
CA VAL A 61 19.28 -7.26 -4.26
C VAL A 61 19.29 -8.47 -3.33
N GLU A 62 19.98 -8.37 -2.20
CA GLU A 62 20.07 -9.48 -1.27
C GLU A 62 19.48 -9.07 0.08
N ASN A 63 18.77 -10.00 0.73
CA ASN A 63 18.22 -9.71 2.04
C ASN A 63 19.29 -9.84 3.12
N SER A 64 19.04 -9.16 4.25
CA SER A 64 19.99 -9.08 5.35
C SER A 64 19.18 -8.74 6.60
N TYR A 65 19.88 -8.64 7.74
CA TYR A 65 19.16 -8.20 8.94
C TYR A 65 20.12 -7.42 9.84
N PHE A 66 19.76 -6.15 10.08
CA PHE A 66 20.51 -5.21 10.91
C PHE A 66 19.78 -5.02 12.24
N PRO A 67 20.50 -4.68 13.31
CA PRO A 67 19.86 -4.64 14.64
C PRO A 67 18.74 -3.61 14.71
N MET A 68 17.81 -3.85 15.63
CA MET A 68 16.71 -2.90 15.80
C MET A 68 17.10 -1.70 16.64
N PHE A 69 18.27 -1.71 17.25
CA PHE A 69 18.73 -0.65 18.13
C PHE A 69 19.78 0.21 17.44
N VAL A 70 19.76 1.50 17.76
CA VAL A 70 20.75 2.42 17.23
C VAL A 70 21.22 3.32 18.37
N SER A 71 22.53 3.55 18.42
CA SER A 71 23.13 4.38 19.46
C SER A 71 22.71 5.83 19.28
N ARG A 72 22.64 6.56 20.41
CA ARG A 72 22.30 7.98 20.37
C ARG A 72 23.23 8.74 19.44
N HIS A 73 24.52 8.46 19.52
CA HIS A 73 25.43 9.19 18.68
C HIS A 73 25.29 8.84 17.26
N LYS A 74 25.10 7.57 16.95
CA LYS A 74 24.93 7.22 15.56
C LYS A 74 23.67 7.79 14.99
N LEU A 75 22.57 7.75 15.72
CA LEU A 75 21.33 8.28 15.22
C LEU A 75 21.31 9.76 15.05
N GLU A 76 21.84 10.43 16.04
CA GLU A 76 21.94 11.88 16.03
C GLU A 76 23.25 12.25 15.42
N LYS A 77 23.29 12.19 14.11
CA LYS A 77 24.50 12.49 13.38
C LYS A 77 24.18 13.13 12.03
N GLU A 88 9.81 11.70 17.47
CA GLU A 88 9.02 10.53 17.09
C GLU A 88 9.84 9.23 17.22
N VAL A 89 10.86 9.25 18.07
CA VAL A 89 11.77 8.13 18.26
C VAL A 89 11.59 7.55 19.66
N ALA A 90 11.35 6.24 19.74
CA ALA A 90 11.21 5.58 21.03
C ALA A 90 12.58 5.26 21.61
N TRP A 91 12.80 5.67 22.86
CA TRP A 91 14.11 5.54 23.49
C TRP A 91 14.06 4.47 24.58
N VAL A 92 14.99 3.51 24.49
CA VAL A 92 15.24 2.58 25.57
C VAL A 92 16.27 3.19 26.49
N THR A 93 15.93 3.25 27.77
CA THR A 93 16.80 3.88 28.75
C THR A 93 17.23 2.98 29.88
N HIS A 94 16.50 1.90 30.11
CA HIS A 94 16.85 0.97 31.17
C HIS A 94 16.71 -0.49 30.87
N TYR A 95 17.60 -1.30 31.43
CA TYR A 95 17.49 -2.73 31.30
C TYR A 95 17.02 -3.03 32.71
N GLY A 96 15.84 -3.61 32.83
CA GLY A 96 15.28 -3.86 34.15
C GLY A 96 15.19 -2.47 34.74
N ASP A 97 15.71 -2.30 35.91
CA ASP A 97 15.69 -0.97 36.49
C ASP A 97 17.09 -0.35 36.63
N SER A 98 17.99 -0.79 35.76
CA SER A 98 19.34 -0.28 35.70
C SER A 98 19.43 0.67 34.50
N PRO A 99 19.98 1.89 34.70
CA PRO A 99 20.04 2.85 33.60
C PRO A 99 21.22 2.76 32.69
N LEU A 100 20.95 2.61 31.41
CA LEU A 100 22.04 2.49 30.47
C LEU A 100 22.87 3.78 30.42
N PRO A 101 24.19 3.68 30.26
CA PRO A 101 25.01 4.90 30.18
C PRO A 101 24.56 5.84 29.07
N GLU A 102 24.42 5.32 27.85
CA GLU A 102 23.78 6.02 26.76
C GLU A 102 22.48 5.29 26.42
N LYS A 103 21.38 6.04 26.37
CA LYS A 103 20.15 5.48 25.88
C LYS A 103 20.30 5.09 24.42
N ILE A 104 19.53 4.08 24.01
CA ILE A 104 19.57 3.58 22.65
C ILE A 104 18.15 3.68 22.09
N ALA A 105 18.04 3.86 20.78
CA ALA A 105 16.77 4.12 20.12
C ALA A 105 16.31 2.91 19.33
N ILE A 106 14.99 2.75 19.23
CA ILE A 106 14.41 1.77 18.32
C ILE A 106 14.35 2.38 16.93
N ARG A 107 14.75 1.61 15.92
CA ARG A 107 14.88 2.10 14.55
C ARG A 107 13.58 2.72 14.06
N PRO A 108 13.61 3.97 13.57
CA PRO A 108 12.48 4.49 12.78
C PRO A 108 12.65 4.22 11.29
N THR A 109 13.89 3.91 10.90
CA THR A 109 14.43 3.67 9.58
C THR A 109 15.89 3.29 9.83
N SER A 110 16.57 2.68 8.86
CA SER A 110 17.84 2.07 9.22
C SER A 110 19.05 2.70 8.55
N GLU A 111 18.94 3.93 8.01
CA GLU A 111 20.11 4.56 7.38
C GLU A 111 21.29 4.64 8.33
N THR A 112 21.07 5.12 9.55
CA THR A 112 22.19 5.32 10.48
C THR A 112 22.71 4.02 11.07
N ILE A 113 21.95 2.94 10.95
CA ILE A 113 22.40 1.62 11.39
C ILE A 113 23.24 0.95 10.32
N MET A 114 22.83 1.09 9.06
CA MET A 114 23.47 0.40 7.95
C MET A 114 24.67 1.15 7.38
N TYR A 115 24.62 2.46 7.31
CA TYR A 115 25.64 3.13 6.49
C TYR A 115 27.06 3.15 7.05
N PRO A 116 27.27 3.12 8.38
CA PRO A 116 28.63 2.87 8.87
C PRO A 116 29.19 1.55 8.36
N ALA A 117 28.35 0.51 8.34
CA ALA A 117 28.78 -0.76 7.79
C ALA A 117 29.14 -0.62 6.31
N TYR A 118 28.29 0.07 5.54
CA TYR A 118 28.58 0.31 4.12
C TYR A 118 29.94 0.98 3.95
N ALA A 119 30.21 2.00 4.75
CA ALA A 119 31.48 2.69 4.67
C ALA A 119 32.63 1.72 4.87
N LYS A 120 32.44 0.73 5.75
CA LYS A 120 33.49 -0.26 5.92
C LYS A 120 33.58 -1.22 4.74
N TRP A 121 32.43 -1.64 4.19
CA TRP A 121 32.41 -2.69 3.18
C TRP A 121 32.86 -2.20 1.81
N ILE A 122 32.68 -0.92 1.51
CA ILE A 122 32.93 -0.39 0.19
C ILE A 122 34.32 0.21 0.18
N ARG A 123 35.20 -0.35 -0.65
CA ARG A 123 36.55 0.17 -0.85
C ARG A 123 36.87 0.47 -2.30
N SER A 124 36.38 -0.36 -3.23
CA SER A 124 36.73 -0.32 -4.63
C SER A 124 35.49 -0.27 -5.50
N HIS A 125 35.66 0.26 -6.72
CA HIS A 125 34.57 0.23 -7.70
C HIS A 125 34.09 -1.19 -7.96
N ARG A 126 34.96 -2.18 -7.73
CA ARG A 126 34.61 -3.59 -7.85
C ARG A 126 33.63 -4.04 -6.77
N ASP A 127 33.50 -3.28 -5.69
CA ASP A 127 32.52 -3.56 -4.64
C ASP A 127 31.14 -3.00 -4.98
N LEU A 128 30.99 -2.31 -6.09
CA LEU A 128 29.74 -1.66 -6.41
C LEU A 128 29.13 -2.30 -7.65
N PRO A 129 27.79 -2.30 -7.77
CA PRO A 129 26.87 -1.75 -6.78
C PRO A 129 26.67 -2.68 -5.58
N LEU A 130 26.32 -2.09 -4.44
CA LEU A 130 25.96 -2.83 -3.25
C LEU A 130 24.45 -2.66 -3.07
N LYS A 131 23.72 -3.77 -3.02
CA LYS A 131 22.26 -3.73 -3.00
C LYS A 131 21.74 -4.61 -1.87
N LEU A 132 21.14 -4.00 -0.83
CA LEU A 132 20.66 -4.77 0.31
C LEU A 132 19.21 -4.38 0.61
N ASN A 133 18.48 -5.33 1.20
CA ASN A 133 17.11 -5.10 1.61
C ASN A 133 16.92 -5.78 2.95
N GLN A 134 15.99 -5.29 3.75
CA GLN A 134 15.57 -6.07 4.89
C GLN A 134 14.07 -5.91 5.11
N TRP A 135 13.49 -7.01 5.59
CA TRP A 135 12.11 -7.07 6.02
C TRP A 135 12.11 -6.98 7.53
N CYS A 136 11.40 -6.00 8.08
CA CYS A 136 11.42 -5.90 9.54
C CYS A 136 10.29 -4.99 9.96
N SER A 137 10.28 -4.59 11.21
CA SER A 137 9.31 -3.61 11.64
C SER A 137 10.08 -2.39 12.12
N VAL A 138 9.44 -1.22 11.99
CA VAL A 138 10.01 0.02 12.52
C VAL A 138 8.95 0.69 13.37
N VAL A 139 9.41 1.69 14.14
CA VAL A 139 8.60 2.36 15.14
C VAL A 139 8.71 3.86 14.91
N ARG A 140 7.56 4.50 14.71
CA ARG A 140 7.46 5.94 14.57
C ARG A 140 6.39 6.39 15.55
N TRP A 141 6.81 7.06 16.62
CA TRP A 141 5.96 7.23 17.80
C TRP A 141 5.27 8.58 17.80
N GLU A 142 4.34 8.75 16.87
CA GLU A 142 3.58 9.99 16.81
C GLU A 142 2.36 9.92 17.73
N PHE A 143 1.72 11.07 17.92
CA PHE A 143 0.54 11.17 18.76
C PHE A 143 -0.72 11.50 17.97
N LYS A 144 -0.62 11.71 16.66
CA LYS A 144 -1.79 11.96 15.83
C LYS A 144 -2.71 10.72 15.82
N GLN A 145 -3.83 10.82 15.10
CA GLN A 145 -4.81 9.76 15.10
C GLN A 145 -4.31 8.55 14.33
N PRO A 146 -4.10 7.41 14.99
CA PRO A 146 -3.67 6.21 14.26
C PRO A 146 -4.84 5.55 13.56
N THR A 147 -4.53 4.91 12.44
CA THR A 147 -5.50 4.20 11.60
C THR A 147 -4.93 2.81 11.33
N PRO A 148 -5.67 1.75 11.64
CA PRO A 148 -5.18 0.41 11.32
C PRO A 148 -4.74 0.31 9.87
N PHE A 149 -3.60 -0.35 9.65
CA PHE A 149 -2.89 -0.50 8.39
C PHE A 149 -2.27 0.81 7.89
N LEU A 150 -3.02 1.90 7.93
CA LEU A 150 -2.62 3.08 7.17
C LEU A 150 -1.56 3.90 7.88
N ARG A 151 -1.72 4.09 9.19
CA ARG A 151 -0.86 5.02 9.94
C ARG A 151 -0.78 4.50 11.38
N THR A 152 0.30 3.76 11.68
CA THR A 152 0.42 3.10 12.97
C THR A 152 1.79 3.43 13.58
N ARG A 153 1.93 3.15 14.88
CA ARG A 153 3.16 3.47 15.58
C ARG A 153 4.24 2.42 15.32
N GLU A 154 3.86 1.15 15.20
CA GLU A 154 4.76 0.10 14.73
C GLU A 154 4.19 -0.45 13.44
N PHE A 155 5.05 -0.65 12.44
CA PHE A 155 4.55 -1.28 11.23
C PHE A 155 5.63 -2.14 10.60
N LEU A 156 5.18 -3.14 9.85
CA LEU A 156 6.04 -3.98 9.05
C LEU A 156 6.38 -3.28 7.75
N TRP A 157 7.62 -3.42 7.29
CA TRP A 157 7.95 -2.89 5.99
C TRP A 157 9.10 -3.68 5.40
N GLN A 158 9.53 -3.23 4.26
CA GLN A 158 10.80 -3.56 3.74
C GLN A 158 11.49 -2.24 3.46
N GLU A 159 12.77 -2.18 3.72
CA GLU A 159 13.59 -1.05 3.32
C GLU A 159 14.80 -1.57 2.56
N GLY A 160 15.02 -1.02 1.37
CA GLY A 160 16.17 -1.34 0.55
C GLY A 160 17.10 -0.14 0.49
N HIS A 161 18.39 -0.43 0.38
CA HIS A 161 19.46 0.56 0.43
C HIS A 161 20.52 0.11 -0.55
N THR A 162 20.81 0.93 -1.55
CA THR A 162 21.83 0.58 -2.54
C THR A 162 22.85 1.71 -2.67
N ALA A 163 24.02 1.33 -3.19
CA ALA A 163 25.15 2.22 -3.41
C ALA A 163 25.76 1.92 -4.77
N HIS A 164 26.06 2.97 -5.53
CA HIS A 164 26.48 2.86 -6.92
C HIS A 164 27.66 3.77 -7.18
N ALA A 165 28.40 3.43 -8.25
CA ALA A 165 29.53 4.24 -8.67
C ALA A 165 29.12 5.54 -9.35
N THR A 166 27.90 5.63 -9.88
CA THR A 166 27.48 6.82 -10.61
C THR A 166 26.06 7.20 -10.24
N GLU A 167 25.76 8.49 -10.41
CA GLU A 167 24.41 8.99 -10.18
C GLU A 167 23.42 8.35 -11.14
N GLU A 168 23.81 8.19 -12.41
CA GLU A 168 22.88 7.65 -13.41
C GLU A 168 22.43 6.24 -13.05
N GLU A 169 23.35 5.41 -12.56
CA GLU A 169 22.98 4.04 -12.21
C GLU A 169 22.05 4.02 -11.00
N ALA A 170 22.34 4.87 -10.00
CA ALA A 170 21.45 4.97 -8.85
C ALA A 170 20.05 5.44 -9.25
N TRP A 171 19.98 6.43 -10.14
CA TRP A 171 18.69 6.95 -10.60
C TRP A 171 17.90 5.88 -11.35
N GLU A 172 18.58 5.11 -12.20
CA GLU A 172 17.90 4.00 -12.86
C GLU A 172 17.35 3.01 -11.85
N LEU A 173 18.09 2.74 -10.78
CA LEU A 173 17.57 1.82 -9.77
C LEU A 173 16.36 2.41 -9.05
N VAL A 174 16.42 3.69 -8.68
CA VAL A 174 15.28 4.37 -8.06
C VAL A 174 14.02 4.15 -8.87
N LEU A 175 14.13 4.38 -10.19
CA LEU A 175 12.96 4.24 -11.08
C LEU A 175 12.53 2.78 -11.23
N ASP A 176 13.50 1.84 -11.28
CA ASP A 176 13.13 0.42 -11.38
C ASP A 176 12.36 -0.03 -10.14
N ILE A 177 12.79 0.43 -8.97
CA ILE A 177 12.08 0.06 -7.75
C ILE A 177 10.70 0.70 -7.74
N LEU A 178 10.61 1.97 -8.16
CA LEU A 178 9.31 2.62 -8.19
C LEU A 178 8.37 1.86 -9.12
N GLU A 179 8.89 1.31 -10.21
CA GLU A 179 8.06 0.48 -11.08
C GLU A 179 7.61 -0.80 -10.38
N LEU A 180 8.50 -1.40 -9.59
CA LEU A 180 8.08 -2.55 -8.78
C LEU A 180 6.97 -2.17 -7.80
N TYR A 181 7.02 -0.97 -7.23
CA TYR A 181 5.95 -0.57 -6.31
C TYR A 181 4.65 -0.32 -7.07
N ARG A 182 4.76 0.25 -8.28
CA ARG A 182 3.56 0.33 -9.12
C ARG A 182 2.97 -1.06 -9.34
N ARG A 183 3.82 -2.06 -9.60
CA ARG A 183 3.33 -3.42 -9.81
C ARG A 183 2.74 -4.00 -8.53
N TRP A 184 3.40 -3.79 -7.39
CA TRP A 184 2.85 -4.22 -6.10
C TRP A 184 1.42 -3.73 -5.94
N TYR A 185 1.18 -2.44 -6.20
CA TYR A 185 -0.17 -1.93 -5.98
C TYR A 185 -1.12 -2.32 -7.12
N GLU A 186 -0.72 -2.06 -8.36
CA GLU A 186 -1.66 -2.18 -9.47
C GLU A 186 -1.83 -3.63 -9.92
N GLU A 187 -0.74 -4.39 -9.98
CA GLU A 187 -0.76 -5.76 -10.47
C GLU A 187 -1.19 -6.75 -9.39
N CYS A 188 -0.71 -6.61 -8.14
CA CYS A 188 -1.16 -7.54 -7.10
C CYS A 188 -2.47 -7.09 -6.46
N LEU A 189 -2.51 -5.83 -6.00
CA LEU A 189 -3.61 -5.35 -5.17
C LEU A 189 -4.73 -4.68 -5.98
N ALA A 190 -4.54 -4.53 -7.30
CA ALA A 190 -5.49 -3.85 -8.20
C ALA A 190 -5.83 -2.43 -7.75
N VAL A 191 -4.87 -1.73 -7.15
CA VAL A 191 -5.03 -0.34 -6.72
C VAL A 191 -4.27 0.54 -7.69
N PRO A 192 -4.93 1.49 -8.36
CA PRO A 192 -4.21 2.40 -9.25
C PRO A 192 -3.44 3.45 -8.44
N VAL A 193 -2.22 3.75 -8.90
CA VAL A 193 -1.37 4.71 -8.22
C VAL A 193 -0.81 5.67 -9.25
N ILE A 194 -0.33 6.82 -8.77
CA ILE A 194 0.27 7.84 -9.63
C ILE A 194 1.74 7.96 -9.26
N LYS A 195 2.64 7.73 -10.23
CA LYS A 195 4.07 7.95 -10.03
C LYS A 195 4.38 9.42 -10.09
N GLY A 196 5.25 9.89 -9.21
CA GLY A 196 5.62 11.29 -9.29
C GLY A 196 6.80 11.59 -8.41
N GLU A 197 7.20 12.85 -8.43
CA GLU A 197 8.31 13.33 -7.64
C GLU A 197 7.77 14.20 -6.51
N LYS A 198 8.32 14.06 -5.31
CA LYS A 198 7.89 14.89 -4.21
C LYS A 198 8.45 16.30 -4.34
N SER A 199 7.72 17.27 -3.81
CA SER A 199 8.19 18.64 -3.71
C SER A 199 9.42 18.72 -2.81
N GLU A 200 10.13 19.85 -2.89
CA GLU A 200 11.31 20.03 -2.05
C GLU A 200 10.94 20.05 -0.57
N GLY A 201 9.75 20.54 -0.23
CA GLY A 201 9.31 20.52 1.14
C GLY A 201 8.93 19.14 1.65
N GLU A 202 8.48 18.26 0.76
CA GLU A 202 7.99 16.96 1.19
C GLU A 202 8.98 15.83 0.96
N LYS A 203 10.10 16.08 0.32
CA LYS A 203 11.03 15.00 0.03
C LYS A 203 11.78 14.56 1.29
N PHE A 204 12.42 13.41 1.20
CA PHE A 204 13.27 12.92 2.29
C PHE A 204 14.41 13.90 2.54
N ALA A 205 14.58 14.29 3.80
CA ALA A 205 15.40 15.45 4.14
C ALA A 205 16.84 15.28 3.65
N GLY A 206 17.51 14.21 4.05
CA GLY A 206 18.88 14.05 3.64
C GLY A 206 19.12 13.61 2.21
N GLY A 207 18.06 13.41 1.42
CA GLY A 207 18.20 12.93 0.07
C GLY A 207 18.20 14.05 -0.96
N LYS A 208 18.51 13.67 -2.20
CA LYS A 208 18.51 14.61 -3.32
C LYS A 208 17.14 14.71 -4.00
N LYS A 209 16.49 13.57 -4.25
CA LYS A 209 15.19 13.58 -4.89
C LYS A 209 14.37 12.38 -4.43
N THR A 210 13.11 12.62 -4.08
CA THR A 210 12.23 11.55 -3.64
C THR A 210 11.14 11.33 -4.69
N THR A 211 11.02 10.09 -5.14
CA THR A 211 9.91 9.68 -5.98
C THR A 211 8.94 8.86 -5.15
N THR A 212 7.71 8.80 -5.64
CA THR A 212 6.63 8.23 -4.85
C THR A 212 5.59 7.68 -5.80
N VAL A 213 4.80 6.73 -5.30
CA VAL A 213 3.51 6.41 -5.90
C VAL A 213 2.45 6.82 -4.90
N GLU A 214 1.44 7.51 -5.37
CA GLU A 214 0.38 8.04 -4.52
C GLU A 214 -0.93 7.33 -4.85
N ALA A 215 -1.70 7.04 -3.81
CA ALA A 215 -3.04 6.48 -3.95
C ALA A 215 -4.07 7.50 -3.46
N PHE A 216 -5.34 7.20 -3.72
CA PHE A 216 -6.44 8.12 -3.43
C PHE A 216 -7.58 7.35 -2.78
N ILE A 217 -8.11 7.88 -1.68
CA ILE A 217 -9.25 7.33 -0.96
C ILE A 217 -10.47 8.22 -1.23
N PRO A 218 -11.38 7.78 -2.12
CA PRO A 218 -12.49 8.67 -2.54
C PRO A 218 -13.43 9.03 -1.42
N GLU A 219 -13.69 8.09 -0.50
CA GLU A 219 -14.74 8.29 0.50
C GLU A 219 -14.40 9.42 1.47
N ASN A 220 -13.11 9.71 1.69
CA ASN A 220 -12.75 10.90 2.46
C ASN A 220 -11.93 11.91 1.66
N GLY A 221 -11.70 11.65 0.38
CA GLY A 221 -11.05 12.62 -0.47
C GLY A 221 -9.56 12.74 -0.24
N ARG A 222 -8.93 11.77 0.42
CA ARG A 222 -7.56 11.95 0.86
C ARG A 222 -6.58 11.20 -0.01
N GLY A 223 -5.48 11.85 -0.37
CA GLY A 223 -4.38 11.15 -0.96
C GLY A 223 -3.53 10.50 0.11
N ILE A 224 -2.77 9.49 -0.28
CA ILE A 224 -1.90 8.80 0.66
C ILE A 224 -0.66 8.30 -0.07
N GLN A 225 0.50 8.49 0.53
CA GLN A 225 1.73 7.97 -0.08
C GLN A 225 1.77 6.46 0.05
N ALA A 226 1.75 5.74 -1.09
CA ALA A 226 1.71 4.28 -1.08
C ALA A 226 3.09 3.63 -0.91
N ALA A 227 4.15 4.24 -1.41
CA ALA A 227 5.51 3.69 -1.34
C ALA A 227 6.44 4.81 -1.75
N THR A 228 7.74 4.62 -1.51
CA THR A 228 8.66 5.71 -1.79
C THR A 228 10.02 5.17 -2.22
N SER A 229 10.68 5.94 -3.09
CA SER A 229 11.98 5.55 -3.64
C SER A 229 12.85 6.81 -3.78
N HIS A 230 13.95 6.86 -3.02
CA HIS A 230 14.73 8.09 -2.88
C HIS A 230 16.05 7.96 -3.63
N LEU A 231 16.38 8.99 -4.39
CA LEU A 231 17.76 9.22 -4.86
C LEU A 231 18.45 9.99 -3.74
N LEU A 232 19.26 9.30 -2.96
CA LEU A 232 20.01 9.96 -1.91
C LEU A 232 21.21 10.70 -2.46
N GLY A 233 21.71 10.28 -3.62
CA GLY A 233 22.87 10.99 -4.15
C GLY A 233 24.07 10.71 -3.26
N THR A 234 24.89 11.74 -3.02
CA THR A 234 26.10 11.58 -2.23
C THR A 234 26.01 12.19 -0.83
N ASN A 235 24.86 12.72 -0.42
CA ASN A 235 24.78 13.40 0.88
C ASN A 235 25.12 12.45 2.02
N PHE A 236 24.48 11.28 2.04
CA PHE A 236 24.76 10.31 3.09
C PHE A 236 26.18 9.77 2.97
N ALA A 237 26.69 9.62 1.75
CA ALA A 237 28.07 9.20 1.55
C ALA A 237 29.03 10.18 2.21
N LYS A 238 28.80 11.49 2.03
CA LYS A 238 29.60 12.49 2.74
C LYS A 238 29.52 12.26 4.24
N MET A 239 28.30 12.20 4.78
CA MET A 239 28.16 12.15 6.23
C MET A 239 28.79 10.89 6.85
N PHE A 240 28.73 9.75 6.15
CA PHE A 240 29.26 8.49 6.67
C PHE A 240 30.59 8.10 6.04
N GLU A 241 31.13 8.91 5.14
CA GLU A 241 32.43 8.64 4.50
C GLU A 241 32.41 7.30 3.78
N ILE A 242 31.40 7.10 2.94
CA ILE A 242 31.32 5.93 2.08
C ILE A 242 31.95 6.32 0.75
N GLU A 243 33.17 5.84 0.52
CA GLU A 243 33.94 6.19 -0.66
C GLU A 243 34.49 4.93 -1.31
N PHE A 244 34.75 5.01 -2.60
CA PHE A 244 35.34 3.91 -3.35
C PHE A 244 36.43 4.46 -4.23
N GLU A 245 37.31 3.57 -4.68
CA GLU A 245 38.39 3.91 -5.60
C GLU A 245 38.06 3.39 -6.98
N ASP A 246 38.20 4.24 -7.98
CA ASP A 246 38.14 3.81 -9.38
C ASP A 246 39.38 2.98 -9.70
N GLU A 247 39.52 2.58 -10.96
CA GLU A 247 40.77 1.94 -11.36
C GLU A 247 41.90 2.95 -11.46
N GLU A 248 41.61 4.25 -11.38
CA GLU A 248 42.68 5.26 -11.30
C GLU A 248 43.35 5.24 -9.94
N GLY A 249 42.59 4.95 -8.89
CA GLY A 249 43.03 5.17 -7.52
C GLY A 249 42.45 6.41 -6.87
N HIS A 250 41.57 7.14 -7.55
CA HIS A 250 40.96 8.34 -6.96
C HIS A 250 39.75 7.93 -6.15
N LYS A 251 39.66 8.46 -4.93
CA LYS A 251 38.52 8.21 -4.06
C LYS A 251 37.35 9.10 -4.48
N ARG A 252 36.18 8.49 -4.62
CA ARG A 252 34.96 9.19 -4.98
C ARG A 252 33.83 8.72 -4.08
N LEU A 253 32.83 9.58 -3.88
CA LEU A 253 31.69 9.21 -3.05
C LEU A 253 30.73 8.31 -3.83
N VAL A 254 30.12 7.35 -3.12
CA VAL A 254 29.09 6.52 -3.75
C VAL A 254 27.81 7.34 -3.90
N HIS A 255 26.94 6.86 -4.78
CA HIS A 255 25.63 7.46 -5.00
C HIS A 255 24.61 6.46 -4.51
N GLN A 256 23.75 6.88 -3.59
CA GLN A 256 22.91 5.93 -2.88
C GLN A 256 21.44 6.16 -3.16
N THR A 257 20.70 5.06 -2.95
CA THR A 257 19.24 5.02 -3.00
C THR A 257 18.74 4.38 -1.71
N SER A 258 17.49 4.70 -1.36
CA SER A 258 16.78 3.89 -0.39
C SER A 258 15.29 3.95 -0.72
N TRP A 259 14.57 2.92 -0.30
CA TRP A 259 13.21 2.75 -0.78
C TRP A 259 12.44 1.86 0.18
N GLY A 260 11.16 2.13 0.37
CA GLY A 260 10.42 1.32 1.32
C GLY A 260 8.95 1.22 0.99
N CYS A 261 8.35 0.18 1.53
CA CYS A 261 6.90 0.06 1.36
C CYS A 261 6.42 -0.81 2.51
N THR A 262 5.16 -0.57 2.94
CA THR A 262 4.70 -1.08 4.23
C THR A 262 3.36 -1.81 4.10
N THR A 263 2.86 -2.32 5.23
CA THR A 263 1.50 -2.87 5.33
C THR A 263 0.39 -1.84 5.14
N ARG A 264 0.74 -0.54 5.05
CA ARG A 264 -0.20 0.45 4.54
C ARG A 264 -0.85 -0.04 3.25
N SER A 265 -0.09 -0.75 2.41
CA SER A 265 -0.65 -1.23 1.14
C SER A 265 -1.91 -2.05 1.37
N LEU A 266 -1.92 -2.89 2.41
CA LEU A 266 -3.12 -3.68 2.68
C LEU A 266 -4.32 -2.79 2.98
N GLY A 267 -4.14 -1.78 3.83
CA GLY A 267 -5.25 -0.88 4.13
C GLY A 267 -5.77 -0.20 2.87
N VAL A 268 -4.84 0.19 1.99
CA VAL A 268 -5.28 0.87 0.78
C VAL A 268 -6.12 -0.08 -0.06
N MET A 269 -5.67 -1.33 -0.15
CA MET A 269 -6.43 -2.32 -0.92
C MET A 269 -7.81 -2.50 -0.31
N ILE A 270 -7.87 -2.54 1.03
CA ILE A 270 -9.15 -2.78 1.69
C ILE A 270 -10.10 -1.65 1.36
N MET A 271 -9.60 -0.41 1.48
CA MET A 271 -10.47 0.73 1.26
C MET A 271 -10.86 0.83 -0.19
N THR A 272 -10.00 0.36 -1.09
CA THR A 272 -10.27 0.58 -2.50
C THR A 272 -11.40 -0.33 -2.98
N HIS A 273 -11.34 -1.61 -2.62
CA HIS A 273 -12.27 -2.57 -3.21
C HIS A 273 -13.44 -2.96 -2.33
N GLY A 274 -13.40 -2.68 -1.02
CA GLY A 274 -14.49 -3.08 -0.15
C GLY A 274 -15.83 -2.48 -0.55
N ASP A 275 -16.91 -3.13 -0.11
CA ASP A 275 -18.25 -2.63 -0.35
C ASP A 275 -19.07 -2.81 0.92
N ASP A 276 -20.39 -2.62 0.82
CA ASP A 276 -21.24 -2.66 2.00
C ASP A 276 -21.28 -4.03 2.66
N LYS A 277 -20.98 -5.07 1.93
CA LYS A 277 -20.96 -6.36 2.51
C LYS A 277 -19.64 -6.66 3.22
N GLY A 278 -18.61 -5.88 2.98
CA GLY A 278 -17.32 -6.11 3.62
C GLY A 278 -16.17 -6.13 2.66
N LEU A 279 -15.14 -6.94 2.95
CA LEU A 279 -13.94 -6.99 2.12
C LEU A 279 -14.24 -7.56 0.73
N VAL A 280 -13.44 -7.12 -0.23
CA VAL A 280 -13.32 -7.76 -1.54
C VAL A 280 -11.82 -7.88 -1.82
N ILE A 281 -11.30 -9.09 -1.84
CA ILE A 281 -9.85 -9.31 -1.99
C ILE A 281 -9.56 -9.67 -3.45
N PRO A 282 -8.68 -8.94 -4.13
CA PRO A 282 -8.34 -9.30 -5.52
C PRO A 282 -7.81 -10.73 -5.60
N PRO A 283 -8.21 -11.49 -6.61
CA PRO A 283 -7.82 -12.90 -6.67
C PRO A 283 -6.32 -13.13 -6.61
N ARG A 284 -5.51 -12.21 -7.12
CA ARG A 284 -4.07 -12.45 -7.14
C ARG A 284 -3.45 -12.54 -5.75
N VAL A 285 -4.07 -11.95 -4.74
CA VAL A 285 -3.51 -12.03 -3.39
C VAL A 285 -4.44 -12.74 -2.41
N ALA A 286 -5.61 -13.19 -2.84
CA ALA A 286 -6.54 -13.85 -1.93
C ALA A 286 -5.97 -15.20 -1.49
N SER A 287 -5.92 -15.44 -0.18
CA SER A 287 -5.41 -16.73 0.27
C SER A 287 -6.39 -17.85 -0.05
N VAL A 288 -7.69 -17.55 -0.03
CA VAL A 288 -8.71 -18.43 -0.55
C VAL A 288 -9.30 -17.73 -1.77
N GLN A 289 -9.08 -18.28 -2.95
CA GLN A 289 -9.67 -17.73 -4.17
C GLN A 289 -11.06 -18.28 -4.40
N VAL A 290 -11.28 -19.57 -4.16
CA VAL A 290 -12.57 -20.22 -4.34
C VAL A 290 -12.94 -20.91 -3.04
N VAL A 291 -14.10 -20.58 -2.49
CA VAL A 291 -14.64 -21.37 -1.39
C VAL A 291 -15.77 -22.25 -1.92
N ILE A 292 -15.67 -23.55 -1.63
CA ILE A 292 -16.67 -24.51 -2.08
C ILE A 292 -17.64 -24.73 -0.94
N ILE A 293 -18.92 -24.50 -1.19
CA ILE A 293 -19.92 -24.72 -0.14
C ILE A 293 -20.85 -25.83 -0.59
N PRO A 294 -20.77 -27.01 0.00
CA PRO A 294 -21.74 -28.06 -0.31
C PRO A 294 -23.07 -27.74 0.35
N ILE A 295 -24.14 -28.06 -0.37
CA ILE A 295 -25.48 -28.01 0.20
C ILE A 295 -25.72 -29.38 0.82
N LEU A 296 -26.08 -29.39 2.11
CA LEU A 296 -26.11 -30.64 2.87
C LEU A 296 -27.48 -30.81 3.56
N PHE A 297 -28.50 -31.10 2.75
CA PHE A 297 -29.80 -31.48 3.29
C PHE A 297 -29.69 -32.74 4.14
N LYS A 298 -30.60 -32.88 5.10
CA LYS A 298 -30.64 -34.14 5.85
C LYS A 298 -31.02 -35.29 4.93
N ASP A 299 -31.87 -35.02 3.96
CA ASP A 299 -32.46 -36.04 3.09
C ASP A 299 -31.70 -36.10 1.75
N GLU A 300 -30.40 -36.34 1.83
CA GLU A 300 -29.59 -36.41 0.62
C GLU A 300 -28.39 -37.30 0.88
N ASN A 301 -27.72 -37.69 -0.20
CA ASN A 301 -26.48 -38.48 -0.13
C ASN A 301 -25.33 -37.53 0.14
N THR A 302 -25.17 -37.18 1.42
CA THR A 302 -24.16 -36.18 1.77
C THR A 302 -22.77 -36.66 1.43
N GLY A 303 -22.51 -37.96 1.60
CA GLY A 303 -21.20 -38.50 1.24
C GLY A 303 -20.84 -38.25 -0.21
N GLU A 304 -21.80 -38.44 -1.12
CA GLU A 304 -21.57 -38.20 -2.54
C GLU A 304 -21.24 -36.74 -2.82
N ILE A 305 -21.97 -35.81 -2.20
CA ILE A 305 -21.75 -34.39 -2.46
C ILE A 305 -20.39 -33.96 -1.91
N LEU A 306 -20.04 -34.40 -0.70
CA LEU A 306 -18.74 -34.04 -0.15
C LEU A 306 -17.60 -34.66 -0.97
N GLY A 307 -17.80 -35.90 -1.44
CA GLY A 307 -16.80 -36.50 -2.30
C GLY A 307 -16.56 -35.71 -3.57
N LYS A 308 -17.65 -35.26 -4.20
CA LYS A 308 -17.48 -34.46 -5.42
C LYS A 308 -16.82 -33.12 -5.12
N CYS A 309 -17.14 -32.51 -3.96
CA CYS A 309 -16.43 -31.29 -3.57
C CYS A 309 -14.93 -31.54 -3.47
N ARG A 310 -14.53 -32.67 -2.88
CA ARG A 310 -13.10 -32.96 -2.78
C ARG A 310 -12.47 -33.19 -4.16
N GLU A 311 -13.17 -33.94 -5.04
CA GLU A 311 -12.69 -34.10 -6.41
C GLU A 311 -12.48 -32.75 -7.10
N LEU A 312 -13.47 -31.86 -7.01
CA LEU A 312 -13.36 -30.55 -7.63
C LEU A 312 -12.22 -29.74 -7.02
N LYS A 313 -12.03 -29.86 -5.71
CA LYS A 313 -10.92 -29.16 -5.07
C LYS A 313 -9.58 -29.63 -5.64
N THR A 314 -9.43 -30.94 -5.81
CA THR A 314 -8.19 -31.48 -6.39
C THR A 314 -7.99 -30.99 -7.82
N MET A 315 -9.06 -31.05 -8.62
CA MET A 315 -8.98 -30.59 -10.00
C MET A 315 -8.60 -29.12 -10.09
N LEU A 316 -9.18 -28.28 -9.23
CA LEU A 316 -8.85 -26.85 -9.26
C LEU A 316 -7.43 -26.57 -8.79
N GLU A 317 -6.96 -27.33 -7.78
CA GLU A 317 -5.61 -27.12 -7.26
C GLU A 317 -4.54 -27.57 -8.25
N LYS A 318 -4.87 -28.48 -9.17
CA LYS A 318 -3.96 -28.77 -10.27
C LYS A 318 -3.79 -27.60 -11.23
N ALA A 319 -4.72 -26.63 -11.25
CA ALA A 319 -4.56 -25.39 -12.00
C ALA A 319 -4.04 -24.25 -11.14
N ASP A 320 -3.51 -24.56 -9.95
CA ASP A 320 -2.92 -23.59 -9.01
C ASP A 320 -3.96 -22.66 -8.40
N ILE A 321 -5.22 -23.08 -8.36
CA ILE A 321 -6.27 -22.29 -7.72
C ILE A 321 -6.28 -22.63 -6.24
N ARG A 322 -6.38 -21.61 -5.40
CA ARG A 322 -6.35 -21.77 -3.94
C ARG A 322 -7.79 -21.96 -3.45
N VAL A 323 -8.10 -23.15 -2.93
CA VAL A 323 -9.46 -23.59 -2.68
C VAL A 323 -9.61 -23.97 -1.22
N ARG A 324 -10.74 -23.64 -0.62
CA ARG A 324 -11.11 -24.28 0.63
C ARG A 324 -12.55 -24.73 0.56
N ILE A 325 -12.83 -25.89 1.18
CA ILE A 325 -14.18 -26.41 1.31
C ILE A 325 -14.68 -26.08 2.71
N ASP A 326 -15.83 -25.42 2.78
CA ASP A 326 -16.48 -25.20 4.06
C ASP A 326 -17.59 -26.23 4.19
N ASP A 327 -17.27 -27.40 4.73
CA ASP A 327 -18.25 -28.45 4.90
C ASP A 327 -18.80 -28.51 6.32
N ARG A 328 -18.76 -27.41 7.06
CA ARG A 328 -19.26 -27.44 8.44
C ARG A 328 -20.76 -27.66 8.44
N SER A 329 -21.20 -28.66 9.21
CA SER A 329 -22.62 -29.05 9.23
C SER A 329 -23.48 -28.16 10.11
N ASN A 330 -22.90 -27.41 11.04
CA ASN A 330 -23.68 -26.69 12.03
C ASN A 330 -24.04 -25.27 11.60
N TYR A 331 -23.68 -24.89 10.38
CA TYR A 331 -24.01 -23.59 9.82
C TYR A 331 -24.77 -23.79 8.51
N THR A 332 -25.76 -22.94 8.27
CA THR A 332 -26.52 -22.99 7.04
C THR A 332 -25.68 -22.46 5.88
N PRO A 333 -26.05 -22.83 4.64
CA PRO A 333 -25.40 -22.19 3.49
C PRO A 333 -25.51 -20.68 3.50
N GLY A 334 -26.67 -20.11 3.88
CA GLY A 334 -26.77 -18.66 3.94
C GLY A 334 -25.76 -18.02 4.88
N TRP A 335 -25.57 -18.63 6.06
CA TRP A 335 -24.55 -18.16 6.99
C TRP A 335 -23.17 -18.18 6.34
N LYS A 336 -22.85 -19.27 5.64
CA LYS A 336 -21.54 -19.40 5.03
C LYS A 336 -21.35 -18.38 3.91
N TYR A 337 -22.40 -18.15 3.11
CA TYR A 337 -22.30 -17.17 2.05
C TYR A 337 -21.88 -15.83 2.65
N ASN A 338 -22.56 -15.41 3.72
CA ASN A 338 -22.21 -14.13 4.33
C ASN A 338 -20.83 -14.17 4.96
N HIS A 339 -20.47 -15.29 5.59
CA HIS A 339 -19.19 -15.37 6.29
C HIS A 339 -18.02 -15.18 5.34
N TRP A 340 -18.05 -15.86 4.18
CA TRP A 340 -16.97 -15.72 3.23
C TRP A 340 -17.08 -14.45 2.38
N GLU A 341 -18.28 -13.87 2.22
CA GLU A 341 -18.38 -12.55 1.60
C GLU A 341 -17.71 -11.49 2.46
N VAL A 342 -18.00 -11.49 3.77
CA VAL A 342 -17.39 -10.54 4.68
C VAL A 342 -15.86 -10.61 4.60
N LYS A 343 -15.32 -11.83 4.50
CA LYS A 343 -13.88 -12.04 4.40
C LYS A 343 -13.33 -11.75 3.01
N GLY A 344 -14.19 -11.52 2.01
CA GLY A 344 -13.72 -11.07 0.72
C GLY A 344 -13.28 -12.14 -0.25
N VAL A 345 -13.64 -13.39 -0.01
CA VAL A 345 -13.24 -14.46 -0.94
C VAL A 345 -13.82 -14.15 -2.31
N PRO A 346 -13.03 -14.12 -3.39
CA PRO A 346 -13.54 -13.58 -4.65
C PRO A 346 -14.53 -14.48 -5.38
N LEU A 347 -14.49 -15.80 -5.16
CA LEU A 347 -15.43 -16.69 -5.83
C LEU A 347 -16.01 -17.68 -4.82
N ARG A 348 -17.30 -17.95 -4.92
CA ARG A 348 -17.83 -19.08 -4.18
C ARG A 348 -18.46 -20.07 -5.14
N LEU A 349 -18.25 -21.35 -4.86
CA LEU A 349 -18.76 -22.45 -5.67
C LEU A 349 -19.73 -23.24 -4.82
N GLU A 350 -20.97 -23.34 -5.28
CA GLU A 350 -22.06 -24.04 -4.60
C GLU A 350 -22.35 -25.34 -5.32
N LEU A 351 -22.48 -26.42 -4.54
CA LEU A 351 -22.68 -27.76 -5.09
C LEU A 351 -23.74 -28.49 -4.26
N GLY A 352 -24.86 -28.84 -4.89
CA GLY A 352 -25.91 -29.58 -4.23
C GLY A 352 -26.35 -30.76 -5.10
N PRO A 353 -27.35 -31.51 -4.66
CA PRO A 353 -27.78 -32.68 -5.43
C PRO A 353 -28.20 -32.37 -6.86
N LYS A 354 -28.81 -31.21 -7.11
CA LYS A 354 -29.26 -30.92 -8.47
C LYS A 354 -28.07 -30.63 -9.39
N ASP A 355 -27.10 -29.88 -8.89
CA ASP A 355 -25.85 -29.65 -9.62
C ASP A 355 -25.18 -30.98 -9.94
N LEU A 356 -25.06 -31.85 -8.94
CA LEU A 356 -24.45 -33.15 -9.16
C LEU A 356 -25.18 -33.93 -10.24
N ALA A 357 -26.51 -33.89 -10.23
CA ALA A 357 -27.28 -34.58 -11.27
C ALA A 357 -26.98 -34.01 -12.65
N LYS A 358 -26.78 -32.69 -12.76
CA LYS A 358 -26.50 -32.08 -14.05
C LYS A 358 -25.02 -32.08 -14.43
N GLY A 359 -24.12 -32.41 -13.52
CA GLY A 359 -22.70 -32.32 -13.81
C GLY A 359 -22.15 -30.90 -13.89
N THR A 360 -22.74 -29.97 -13.15
CA THR A 360 -22.30 -28.58 -13.17
C THR A 360 -22.15 -28.08 -11.74
N ALA A 361 -21.65 -26.86 -11.62
CA ALA A 361 -21.52 -26.18 -10.34
C ALA A 361 -21.95 -24.74 -10.52
N ARG A 362 -22.46 -24.14 -9.45
CA ARG A 362 -22.89 -22.74 -9.51
C ARG A 362 -21.81 -21.88 -8.88
N VAL A 363 -21.32 -20.89 -9.61
CA VAL A 363 -20.22 -20.07 -9.13
C VAL A 363 -20.70 -18.63 -9.04
N VAL A 364 -20.43 -17.97 -7.92
CA VAL A 364 -20.87 -16.60 -7.68
C VAL A 364 -19.65 -15.73 -7.42
N ARG A 365 -19.51 -14.65 -8.20
CA ARG A 365 -18.36 -13.77 -8.03
C ARG A 365 -18.68 -12.69 -6.99
N ARG A 366 -17.67 -12.39 -6.17
CA ARG A 366 -17.89 -11.56 -4.99
C ARG A 366 -18.11 -10.10 -5.35
N ASP A 367 -17.46 -9.62 -6.42
CA ASP A 367 -17.45 -8.18 -6.71
C ASP A 367 -18.82 -7.71 -7.22
N THR A 368 -19.43 -8.46 -8.15
CA THR A 368 -20.69 -8.07 -8.75
C THR A 368 -21.88 -8.92 -8.31
N GLY A 369 -21.65 -10.09 -7.70
CA GLY A 369 -22.72 -11.00 -7.37
C GLY A 369 -23.27 -11.79 -8.56
N GLU A 370 -22.67 -11.67 -9.74
CA GLU A 370 -23.14 -12.42 -10.89
C GLU A 370 -22.91 -13.91 -10.71
N ALA A 371 -23.86 -14.73 -11.14
CA ALA A 371 -23.72 -16.18 -11.00
C ALA A 371 -23.60 -16.86 -12.36
N TYR A 372 -22.91 -18.00 -12.35
CA TYR A 372 -22.61 -18.77 -13.56
C TYR A 372 -22.87 -20.24 -13.28
N GLN A 373 -23.39 -20.96 -14.27
CA GLN A 373 -23.46 -22.41 -14.21
C GLN A 373 -22.37 -22.96 -15.10
N ILE A 374 -21.44 -23.70 -14.52
CA ILE A 374 -20.25 -24.16 -15.25
C ILE A 374 -20.16 -25.67 -15.14
N SER A 375 -20.01 -26.34 -16.29
CA SER A 375 -19.82 -27.77 -16.27
C SER A 375 -18.48 -28.10 -15.62
N TRP A 376 -18.39 -29.30 -15.03
CA TRP A 376 -17.20 -29.65 -14.27
C TRP A 376 -15.95 -29.67 -15.13
N ALA A 377 -16.07 -30.06 -16.40
CA ALA A 377 -14.89 -30.13 -17.27
C ALA A 377 -14.36 -28.75 -17.63
N ASP A 378 -15.24 -27.75 -17.74
CA ASP A 378 -14.80 -26.38 -18.00
C ASP A 378 -14.39 -25.63 -16.75
N LEU A 379 -14.50 -26.25 -15.58
CA LEU A 379 -14.41 -25.47 -14.35
C LEU A 379 -13.06 -24.77 -14.20
N ALA A 380 -11.97 -25.50 -14.32
CA ALA A 380 -10.66 -24.89 -14.08
C ALA A 380 -10.35 -23.75 -15.04
N PRO A 381 -10.41 -23.90 -16.36
CA PRO A 381 -10.11 -22.76 -17.23
C PRO A 381 -11.14 -21.64 -17.13
N LYS A 382 -12.40 -21.95 -16.85
CA LYS A 382 -13.39 -20.88 -16.73
C LYS A 382 -13.18 -20.09 -15.45
N LEU A 383 -12.80 -20.76 -14.36
CA LEU A 383 -12.52 -20.03 -13.13
C LEU A 383 -11.25 -19.21 -13.25
N LEU A 384 -10.23 -19.71 -13.96
CA LEU A 384 -9.04 -18.91 -14.20
C LEU A 384 -9.39 -17.64 -14.97
N GLU A 385 -10.18 -17.79 -16.03
CA GLU A 385 -10.61 -16.63 -16.80
C GLU A 385 -11.46 -15.68 -15.95
N LEU A 386 -12.31 -16.25 -15.08
CA LEU A 386 -13.17 -15.42 -14.24
C LEU A 386 -12.34 -14.65 -13.22
N MET A 387 -11.33 -15.26 -12.66
CA MET A 387 -10.49 -14.57 -11.72
C MET A 387 -9.71 -13.45 -12.36
N GLU A 388 -9.22 -13.63 -13.56
CA GLU A 388 -8.54 -12.57 -14.25
C GLU A 388 -9.50 -11.43 -14.55
N GLY A 389 -10.73 -11.74 -14.91
CA GLY A 389 -11.73 -10.74 -15.14
C GLY A 389 -12.09 -9.99 -13.87
N ILE A 390 -12.19 -10.69 -12.77
CA ILE A 390 -12.45 -10.01 -11.49
C ILE A 390 -11.32 -9.04 -11.17
N GLN A 391 -10.07 -9.52 -11.27
CA GLN A 391 -8.90 -8.70 -10.99
C GLN A 391 -8.89 -7.45 -11.86
N ARG A 392 -9.08 -7.65 -13.17
CA ARG A 392 -9.09 -6.53 -14.11
C ARG A 392 -10.22 -5.56 -13.82
N SER A 393 -11.40 -6.09 -13.49
CA SER A 393 -12.55 -5.21 -13.28
C SER A 393 -12.40 -4.40 -12.00
N LEU A 394 -11.89 -5.02 -10.92
CA LEU A 394 -11.57 -4.28 -9.70
C LEU A 394 -10.63 -3.13 -10.01
N PHE A 395 -9.57 -3.41 -10.80
CA PHE A 395 -8.61 -2.37 -11.11
C PHE A 395 -9.22 -1.26 -11.97
N GLU A 396 -9.96 -1.62 -13.02
CA GLU A 396 -10.47 -0.58 -13.92
C GLU A 396 -11.52 0.29 -13.22
N LYS A 397 -12.36 -0.30 -12.36
CA LYS A 397 -13.31 0.55 -11.63
C LYS A 397 -12.60 1.46 -10.64
N ALA A 398 -11.57 0.95 -9.92
CA ALA A 398 -10.80 1.84 -9.06
C ALA A 398 -10.10 2.94 -9.86
N LYS A 399 -9.60 2.62 -11.06
CA LYS A 399 -8.94 3.62 -11.88
C LYS A 399 -9.92 4.69 -12.36
N ALA A 400 -11.16 4.29 -12.70
CA ALA A 400 -12.16 5.28 -13.06
C ALA A 400 -12.50 6.18 -11.87
N ARG A 401 -12.56 5.61 -10.66
CA ARG A 401 -12.80 6.44 -9.48
C ARG A 401 -11.64 7.41 -9.25
N LEU A 402 -10.42 6.96 -9.51
CA LEU A 402 -9.27 7.85 -9.40
C LEU A 402 -9.36 9.02 -10.38
N HIS A 403 -9.64 8.72 -11.66
CA HIS A 403 -9.71 9.79 -12.64
CA HIS A 403 -9.72 9.78 -12.66
C HIS A 403 -10.85 10.75 -12.35
N GLU A 404 -11.99 10.24 -11.85
CA GLU A 404 -13.05 11.17 -11.51
C GLU A 404 -12.74 11.97 -10.24
N GLY A 405 -11.84 11.47 -9.39
CA GLY A 405 -11.48 12.20 -8.19
C GLY A 405 -10.47 13.31 -8.34
N ILE A 406 -9.95 13.58 -9.53
CA ILE A 406 -8.93 14.62 -9.72
C ILE A 406 -9.49 15.70 -10.63
N GLU A 407 -9.50 16.94 -10.14
CA GLU A 407 -9.94 18.09 -10.92
C GLU A 407 -8.71 18.88 -11.37
N LYS A 408 -8.64 19.16 -12.65
CA LYS A 408 -7.61 20.04 -13.18
C LYS A 408 -8.09 21.47 -13.02
N ILE A 409 -7.31 22.30 -12.31
CA ILE A 409 -7.72 23.68 -12.04
C ILE A 409 -6.61 24.60 -12.55
N SER A 410 -6.94 25.89 -12.62
CA SER A 410 -5.99 26.90 -13.08
C SER A 410 -5.78 28.04 -12.08
N THR A 411 -6.72 28.26 -11.16
CA THR A 411 -6.63 29.37 -10.21
C THR A 411 -6.92 28.87 -8.81
N PHE A 412 -6.42 29.61 -7.82
CA PHE A 412 -6.55 29.14 -6.43
C PHE A 412 -8.00 29.13 -5.97
N ASP A 413 -8.86 29.95 -6.57
CA ASP A 413 -10.22 29.98 -6.06
C ASP A 413 -11.01 28.73 -6.42
N GLU A 414 -10.50 27.88 -7.31
CA GLU A 414 -11.12 26.58 -7.54
C GLU A 414 -10.69 25.52 -6.53
N VAL A 415 -9.73 25.85 -5.65
CA VAL A 415 -9.23 24.84 -4.71
C VAL A 415 -10.33 24.39 -3.75
N MET A 416 -10.86 25.33 -2.95
CA MET A 416 -11.77 24.92 -1.88
C MET A 416 -13.02 24.21 -2.39
N PRO A 417 -13.66 24.62 -3.50
CA PRO A 417 -14.77 23.80 -4.02
C PRO A 417 -14.36 22.39 -4.38
N ALA A 418 -13.22 22.23 -5.06
CA ALA A 418 -12.75 20.89 -5.40
C ALA A 418 -12.45 20.06 -4.15
N LEU A 419 -11.88 20.69 -3.13
CA LEU A 419 -11.66 19.96 -1.88
C LEU A 419 -12.98 19.59 -1.22
N ASN A 420 -13.99 20.45 -1.33
CA ASN A 420 -15.28 20.16 -0.71
C ASN A 420 -15.99 19.02 -1.41
N ARG A 421 -15.68 18.80 -2.70
CA ARG A 421 -16.16 17.61 -3.39
C ARG A 421 -15.30 16.37 -3.11
N LYS A 422 -14.37 16.46 -2.15
CA LYS A 422 -13.47 15.36 -1.81
C LYS A 422 -12.63 14.94 -3.02
N HIS A 423 -12.12 15.92 -3.75
CA HIS A 423 -11.27 15.68 -4.91
C HIS A 423 -9.86 16.19 -4.65
N LEU A 424 -8.91 15.61 -5.39
CA LEU A 424 -7.59 16.17 -5.55
C LEU A 424 -7.63 17.20 -6.66
N VAL A 425 -6.62 18.08 -6.69
CA VAL A 425 -6.51 19.07 -7.75
C VAL A 425 -5.17 18.90 -8.44
N LEU A 426 -5.19 19.06 -9.74
CA LEU A 426 -3.97 19.09 -10.55
C LEU A 426 -3.83 20.52 -11.05
N ALA A 427 -2.78 21.22 -10.62
CA ALA A 427 -2.69 22.64 -10.88
C ALA A 427 -1.29 23.00 -11.37
N PRO A 428 -1.17 24.02 -12.22
CA PRO A 428 0.17 24.52 -12.58
C PRO A 428 0.83 25.19 -11.38
N TRP A 429 2.09 24.87 -11.13
CA TRP A 429 2.74 25.35 -9.93
C TRP A 429 4.17 25.78 -10.23
N CYS A 430 4.55 26.90 -9.59
CA CYS A 430 5.86 27.50 -9.62
C CYS A 430 6.92 26.73 -8.82
N GLU A 431 6.48 25.78 -7.98
CA GLU A 431 7.35 24.91 -7.18
C GLU A 431 8.21 25.64 -6.17
N ASP A 432 7.92 26.92 -5.93
CA ASP A 432 8.62 27.66 -4.89
C ASP A 432 8.22 27.10 -3.52
N PRO A 433 9.17 26.72 -2.68
CA PRO A 433 8.80 25.98 -1.45
C PRO A 433 8.04 26.83 -0.44
N GLU A 434 8.32 28.14 -0.36
CA GLU A 434 7.54 29.01 0.52
C GLU A 434 6.05 28.99 0.16
N SER A 435 5.73 28.88 -1.13
CA SER A 435 4.34 28.88 -1.54
C SER A 435 3.60 27.63 -1.03
N GLU A 436 4.28 26.48 -0.95
CA GLU A 436 3.58 25.30 -0.44
C GLU A 436 3.19 25.51 1.03
N GLU A 437 4.08 26.11 1.82
CA GLU A 437 3.73 26.39 3.21
C GLU A 437 2.56 27.36 3.29
N GLN A 438 2.58 28.42 2.47
CA GLN A 438 1.47 29.36 2.47
C GLN A 438 0.15 28.67 2.10
N ILE A 439 0.19 27.78 1.11
CA ILE A 439 -1.01 27.08 0.67
C ILE A 439 -1.53 26.14 1.75
N LYS A 440 -0.62 25.39 2.39
CA LYS A 440 -1.04 24.54 3.50
C LYS A 440 -1.75 25.35 4.57
N LYS A 441 -1.17 26.49 4.98
CA LYS A 441 -1.75 27.25 6.09
C LYS A 441 -3.08 27.90 5.69
N GLU A 442 -3.17 28.39 4.45
CA GLU A 442 -4.40 29.05 4.02
C GLU A 442 -5.53 28.05 3.86
N THR A 443 -5.27 26.90 3.23
CA THR A 443 -6.33 25.91 3.09
C THR A 443 -6.72 25.32 4.44
N GLN A 444 -5.76 25.19 5.35
CA GLN A 444 -6.10 24.79 6.72
C GLN A 444 -7.09 25.78 7.33
N LYS A 445 -6.81 27.08 7.23
CA LYS A 445 -7.68 28.08 7.84
C LYS A 445 -9.07 28.07 7.21
N LEU A 446 -9.13 28.04 5.89
CA LEU A 446 -10.43 28.01 5.19
C LEU A 446 -11.21 26.75 5.53
N SER A 447 -10.52 25.63 5.70
CA SER A 447 -11.20 24.39 6.08
C SER A 447 -11.80 24.52 7.48
N GLU A 448 -11.10 25.18 8.39
CA GLU A 448 -11.66 25.36 9.73
C GLU A 448 -12.90 26.24 9.70
N ILE A 449 -12.87 27.31 8.90
CA ILE A 449 -14.07 28.13 8.71
C ILE A 449 -15.24 27.28 8.19
N GLN A 450 -14.99 26.50 7.14
CA GLN A 450 -16.03 25.64 6.59
C GLN A 450 -16.57 24.67 7.65
N ALA A 451 -15.68 24.14 8.49
CA ALA A 451 -16.11 23.23 9.56
C ALA A 451 -17.07 23.94 10.51
N ILE A 452 -16.77 25.19 10.87
CA ILE A 452 -17.65 25.91 11.78
C ILE A 452 -18.99 26.25 11.12
N GLU A 453 -19.02 26.31 9.79
CA GLU A 453 -20.30 26.49 9.11
C GLU A 453 -21.08 25.19 8.93
N ALA A 454 -20.42 24.03 8.98
CA ALA A 454 -21.13 22.76 8.88
C ALA A 454 -21.70 22.27 10.22
N GLY A 455 -21.28 22.85 11.34
CA GLY A 455 -21.57 22.26 12.64
C GLY A 455 -20.84 20.96 12.87
N ASP A 456 -19.51 21.02 12.88
CA ASP A 456 -18.67 19.82 13.05
C ASP A 456 -17.81 19.90 14.31
N VAL A 460 -10.88 16.28 13.21
CA VAL A 460 -9.99 15.28 13.78
C VAL A 460 -8.76 15.07 12.94
N MET A 461 -8.92 15.04 11.61
CA MET A 461 -7.78 14.90 10.73
C MET A 461 -7.63 16.25 10.05
N THR A 462 -6.40 16.68 9.87
CA THR A 462 -6.10 17.96 9.28
C THR A 462 -6.85 18.32 8.01
N GLY A 463 -7.20 19.57 7.93
CA GLY A 463 -7.85 20.12 6.77
C GLY A 463 -6.92 20.72 5.73
N ALA A 464 -5.61 20.71 5.96
CA ALA A 464 -4.70 21.40 5.06
C ALA A 464 -4.51 20.62 3.76
N MET A 465 -4.33 21.36 2.68
CA MET A 465 -3.98 20.78 1.38
C MET A 465 -2.48 20.91 1.16
N LYS A 466 -1.83 19.82 0.74
CA LYS A 466 -0.41 19.84 0.49
C LYS A 466 -0.15 19.20 -0.86
N THR A 467 1.09 19.32 -1.34
CA THR A 467 1.44 18.58 -2.55
C THR A 467 1.47 17.09 -2.25
N LEU A 468 0.90 16.31 -3.17
CA LEU A 468 1.05 14.87 -3.15
C LEU A 468 2.17 14.42 -4.05
N CYS A 469 2.16 14.84 -5.31
CA CYS A 469 3.38 14.58 -6.05
C CYS A 469 3.36 15.44 -7.30
N ILE A 470 4.51 15.53 -7.95
CA ILE A 470 4.57 16.15 -9.27
C ILE A 470 4.58 14.99 -10.25
N PRO A 471 3.47 14.72 -10.94
CA PRO A 471 3.34 13.45 -11.67
C PRO A 471 4.35 13.34 -12.80
N PHE A 472 4.86 12.12 -12.97
CA PHE A 472 5.72 11.85 -14.13
C PHE A 472 4.98 12.10 -15.42
N ASP A 473 3.69 11.75 -15.47
CA ASP A 473 2.89 12.00 -16.66
C ASP A 473 2.31 13.42 -16.56
N GLN A 474 2.88 14.32 -17.36
CA GLN A 474 2.56 15.74 -17.34
C GLN A 474 1.60 16.07 -18.47
N PRO A 475 0.48 16.73 -18.20
CA PRO A 475 -0.31 17.33 -19.28
C PRO A 475 0.48 18.44 -19.96
N PRO A 476 0.05 18.89 -21.14
CA PRO A 476 0.74 20.00 -21.80
C PRO A 476 0.78 21.24 -20.91
N MET A 477 1.84 22.03 -21.08
CA MET A 477 2.04 23.28 -20.36
C MET A 477 2.08 24.42 -21.37
N PRO A 478 0.92 24.97 -21.73
CA PRO A 478 0.90 26.15 -22.61
C PRO A 478 1.85 27.23 -22.08
N GLU A 479 2.64 27.78 -23.01
CA GLU A 479 3.59 28.83 -22.66
C GLU A 479 2.88 29.99 -21.96
N GLY A 480 3.53 30.53 -20.93
CA GLY A 480 2.95 31.62 -20.17
C GLY A 480 1.83 31.22 -19.23
N THR A 481 1.72 29.95 -18.86
CA THR A 481 0.75 29.58 -17.83
C THR A 481 1.30 30.05 -16.48
N LYS A 482 0.46 30.70 -15.69
CA LYS A 482 0.89 31.20 -14.39
C LYS A 482 0.67 30.15 -13.31
N CYS A 483 1.46 30.25 -12.24
CA CYS A 483 1.21 29.48 -11.02
C CYS A 483 -0.16 29.81 -10.45
N PHE A 484 -0.87 28.79 -9.96
CA PHE A 484 -2.24 29.02 -9.49
C PHE A 484 -2.31 29.79 -8.18
N TYR A 485 -1.21 29.88 -7.42
CA TYR A 485 -1.21 30.60 -6.16
C TYR A 485 -0.37 31.87 -6.18
N THR A 486 0.83 31.83 -6.78
CA THR A 486 1.72 32.97 -6.75
C THR A 486 1.54 33.91 -7.93
N GLY A 487 0.92 33.45 -9.01
CA GLY A 487 0.92 34.20 -10.24
C GLY A 487 2.24 34.23 -10.97
N LYS A 488 3.33 33.77 -10.34
CA LYS A 488 4.64 33.65 -10.96
C LYS A 488 4.54 32.66 -12.12
N PRO A 489 5.53 32.61 -13.02
CA PRO A 489 5.47 31.61 -14.09
C PRO A 489 5.45 30.20 -13.55
N ALA A 490 4.51 29.41 -14.04
CA ALA A 490 4.35 28.06 -13.54
C ALA A 490 5.35 27.12 -14.21
N LYS A 491 5.83 26.14 -13.45
CA LYS A 491 6.85 25.24 -14.00
C LYS A 491 6.27 23.88 -14.34
N ARG A 492 5.53 23.24 -13.43
CA ARG A 492 4.97 21.93 -13.76
C ARG A 492 3.58 21.77 -13.17
N TRP A 493 2.81 20.85 -13.73
CA TRP A 493 1.57 20.41 -13.10
C TRP A 493 1.86 19.62 -11.83
N THR A 494 1.14 19.93 -10.76
CA THR A 494 1.34 19.30 -9.47
C THR A 494 0.01 18.79 -8.96
N LEU A 495 0.03 17.59 -8.38
CA LEU A 495 -1.12 17.00 -7.74
C LEU A 495 -1.11 17.36 -6.25
N TRP A 496 -2.22 17.97 -5.81
CA TRP A 496 -2.46 18.44 -4.46
C TRP A 496 -3.73 17.81 -3.90
N GLY A 497 -3.78 17.72 -2.57
CA GLY A 497 -5.03 17.36 -1.91
C GLY A 497 -4.84 17.28 -0.41
N ARG A 498 -5.96 17.07 0.29
CA ARG A 498 -5.84 16.63 1.67
C ARG A 498 -5.20 15.24 1.70
N SER A 499 -4.58 14.90 2.82
CA SER A 499 -3.75 13.71 2.83
C SER A 499 -3.79 13.06 4.21
N TYR A 500 -3.29 11.82 4.23
CA TYR A 500 -2.87 11.14 5.44
C TYR A 500 -1.44 11.55 5.76
C4 JE6 B . 3.88 5.50 8.43
C14 JE6 B . 5.40 6.44 6.26
C5 JE6 B . 3.17 5.00 9.52
C6 JE6 B . 3.55 6.87 11.09
C11 JE6 B . -0.41 8.85 13.46
C7 JE6 B . 3.47 7.24 12.56
C8 JE6 B . 2.11 7.81 12.89
C9 JE6 B . 1.26 7.17 13.78
C10 JE6 B . 0.00 7.69 14.07
C12 JE6 B . 0.41 9.50 12.58
C13 JE6 B . 1.67 8.99 12.29
C3 JE6 B . 3.80 4.79 7.24
C1 JE6 B . 2.37 3.21 8.30
C15 JE6 B . 5.77 6.80 4.83
C16 JE6 B . 5.76 5.41 4.12
C17 JE6 B . 5.50 5.49 2.67
C18 JE6 B . 7.06 4.60 4.40
C19 JE6 B . 7.60 3.59 3.42
C2 JE6 B . 3.03 3.62 7.17
C20 JE6 B . 8.36 4.85 3.67
C21 JE6 B . 4.65 4.68 4.88
O1 JE6 B . 3.97 3.76 4.45
N JE6 B . 3.19 5.61 10.79
C JE6 B . 1.58 1.92 8.32
O JE6 B . 3.92 7.69 10.24
N1 JE6 B . 2.43 3.88 9.47
N2 JE6 B . 4.53 5.26 6.11
N3 JE6 B . 5.24 5.55 1.56
N1 9SF C . 10.61 9.16 9.90
C2 9SF C . 11.00 9.02 8.68
C5 9SF C . 13.94 9.60 11.48
C6 9SF C . 13.54 9.78 12.80
C7 9SF C . 12.20 9.73 13.15
C8 9SF C . 11.24 9.52 12.18
C10 9SF C . 12.97 9.39 10.50
C1' 9SF C . 12.58 8.79 6.82
C4 9SF C . 13.36 9.22 9.10
C9 9SF C . 11.61 9.35 10.84
N3 9SF C . 12.29 9.03 8.23
O11 9SF C . 14.51 9.23 8.69
CL CL D . -13.64 -23.75 7.14
CL CL E . 11.20 10.62 -14.94
C1 EDO F . 8.89 -10.28 8.10
O1 EDO F . 7.52 -9.90 7.91
C2 EDO F . 9.24 -11.47 7.20
O2 EDO F . 10.31 -12.23 7.76
C1 EDO G . 11.88 -8.33 12.40
O1 EDO G . 10.94 -8.10 13.45
C2 EDO G . 11.42 -9.48 11.52
O2 EDO G . 10.05 -9.27 11.11
C1 EDO H . -10.73 6.14 9.12
O1 EDO H . -11.23 5.79 7.82
C2 EDO H . -9.27 6.55 8.93
O2 EDO H . -9.02 6.69 7.54
C1 EDO I . 7.63 15.40 -13.78
O1 EDO I . 8.08 14.77 -12.56
C2 EDO I . 8.83 15.80 -14.62
O2 EDO I . 8.42 16.16 -15.95
C1 EDO J . 17.05 13.28 -11.82
O1 EDO J . 17.24 13.32 -13.24
C2 EDO J . 18.33 12.83 -11.15
O2 EDO J . 19.36 12.61 -12.15
C1 EDO K . 7.98 -15.21 6.16
O1 EDO K . 7.25 -16.43 6.30
C2 EDO K . 7.07 -14.04 6.51
O2 EDO K . 6.58 -14.18 7.85
C1 EDO L . 0.65 -3.76 12.28
O1 EDO L . 0.14 -2.54 11.70
C2 EDO L . 1.56 -4.52 11.30
O2 EDO L . 2.35 -3.64 10.48
N PRO M . 14.26 4.89 4.51
CA PRO M . 13.38 5.55 3.53
C PRO M . 12.10 6.07 4.14
O PRO M . 11.82 5.80 5.30
CB PRO M . 13.03 4.42 2.56
CG PRO M . 13.09 3.18 3.40
CD PRO M . 14.24 3.42 4.37
OXT PRO M . 11.35 6.75 3.45
#